data_4BU7
#
_entry.id   4BU7
#
_cell.length_a   91.140
_cell.length_b   97.830
_cell.length_c   118.760
_cell.angle_alpha   90.00
_cell.angle_beta   90.00
_cell.angle_gamma   90.00
#
_symmetry.space_group_name_H-M   'C 2 2 21'
#
loop_
_entity.id
_entity.type
_entity.pdbx_description
1 polymer TANKYRASE-2
2 non-polymer 'ZINC ION'
3 non-polymer 'SULFATE ION'
4 non-polymer 2-(4-bromophenyl)-3,4-dihydroquinazolin-4-one
5 non-polymer GLYCEROL
6 water water
#
_entity_poly.entity_id   1
_entity_poly.type   'polypeptide(L)'
_entity_poly.pdbx_seq_one_letter_code
;MHHHHHHSSGVDLGTENLYFQSMLNTSGSGTILIDLSPDDKEFQSVEEEMQSTVREHRDGGHAGGIFNRYNILKIQKVCN
KKLWERYTHRRKEVSEENHNHANERMLFHGSPFVNAIIHKGFDERHAYIGGMFGAGIYFAENSSKSNQYVYGIGGGTGCP
VHKDRSCYICHRQLLFCRVTLGKSFLQFSAMKMAHSPPGHHSVTGRPSVNGLALAEYVIYRGEQAYPEYLITYQIMRPEG
;
_entity_poly.pdbx_strand_id   A,C
#
loop_
_chem_comp.id
_chem_comp.type
_chem_comp.name
_chem_comp.formula
25F non-polymer 2-(4-bromophenyl)-3,4-dihydroquinazolin-4-one 'C14 H9 Br N2 O'
GOL non-polymer GLYCEROL 'C3 H8 O3'
SO4 non-polymer 'SULFATE ION' 'O4 S -2'
ZN non-polymer 'ZINC ION' 'Zn 2'
#
# COMPACT_ATOMS: atom_id res chain seq x y z
N GLY A 30 -0.02 -11.76 -36.25
CA GLY A 30 0.42 -10.43 -36.74
C GLY A 30 1.72 -9.98 -36.08
N THR A 31 2.04 -10.50 -34.91
CA THR A 31 3.23 -10.00 -34.22
C THR A 31 4.51 -10.64 -34.70
N ILE A 32 5.52 -9.83 -35.01
CA ILE A 32 6.85 -10.36 -35.16
C ILE A 32 7.78 -9.68 -34.15
N LEU A 33 8.74 -10.43 -33.65
CA LEU A 33 9.75 -9.95 -32.69
C LEU A 33 11.11 -9.85 -33.39
N ILE A 34 11.71 -8.66 -33.37
CA ILE A 34 13.03 -8.42 -33.96
C ILE A 34 14.03 -8.26 -32.85
N ASP A 35 15.05 -9.10 -32.85
CA ASP A 35 16.13 -9.00 -31.86
C ASP A 35 16.98 -7.79 -32.05
N LEU A 36 17.26 -7.06 -30.98
CA LEU A 36 18.21 -5.97 -31.09
C LEU A 36 19.61 -6.47 -30.74
N SER A 37 20.61 -5.97 -31.47
CA SER A 37 21.99 -6.27 -31.11
C SER A 37 22.34 -5.45 -29.87
N PRO A 38 23.11 -6.03 -28.95
CA PRO A 38 23.64 -5.25 -27.83
C PRO A 38 24.50 -4.07 -28.22
N ASP A 39 25.00 -4.05 -29.45
CA ASP A 39 25.74 -2.90 -29.97
C ASP A 39 24.82 -1.77 -30.43
N ASP A 40 23.56 -2.06 -30.61
CA ASP A 40 22.58 -1.09 -31.11
C ASP A 40 22.29 -0.13 -29.97
N LYS A 41 22.37 1.17 -30.27
CA LYS A 41 22.10 2.22 -29.29
C LYS A 41 20.69 2.09 -28.65
N GLU A 42 19.75 1.53 -29.40
CA GLU A 42 18.39 1.30 -28.92
C GLU A 42 18.38 0.20 -27.85
N PHE A 43 19.20 -0.84 -28.03
CA PHE A 43 19.37 -1.88 -27.00
C PHE A 43 19.93 -1.19 -25.76
N GLN A 44 20.96 -0.39 -25.99
CA GLN A 44 21.68 0.20 -24.89
C GLN A 44 20.82 1.17 -24.06
N SER A 45 20.02 2.00 -24.71
CA SER A 45 19.18 2.96 -24.01
C SER A 45 18.03 2.26 -23.24
N VAL A 46 17.49 1.17 -23.81
CA VAL A 46 16.49 0.34 -23.12
C VAL A 46 17.12 -0.38 -21.93
N GLU A 47 18.30 -0.98 -22.11
CA GLU A 47 18.96 -1.63 -20.96
C GLU A 47 19.17 -0.63 -19.86
N GLU A 48 19.63 0.56 -20.21
CA GLU A 48 19.96 1.58 -19.21
C GLU A 48 18.73 2.02 -18.39
N GLU A 49 17.57 2.16 -19.04
CA GLU A 49 16.36 2.47 -18.31
C GLU A 49 15.94 1.31 -17.38
N MET A 50 16.13 0.04 -17.82
CA MET A 50 15.92 -1.13 -16.93
C MET A 50 16.78 -1.03 -15.68
N GLN A 51 18.07 -0.87 -15.90
CA GLN A 51 19.05 -0.98 -14.80
C GLN A 51 18.92 0.23 -13.83
N SER A 52 18.79 1.41 -14.39
CA SER A 52 18.93 2.62 -13.59
C SER A 52 17.67 2.86 -12.77
N THR A 53 16.57 2.17 -13.08
CA THR A 53 15.30 2.34 -12.32
C THR A 53 15.00 1.19 -11.36
N VAL A 54 16.03 0.43 -10.98
CA VAL A 54 15.93 -0.54 -9.88
C VAL A 54 15.94 0.23 -8.57
N ARG A 55 15.06 -0.12 -7.66
CA ARG A 55 15.14 0.42 -6.33
C ARG A 55 14.89 -0.69 -5.35
N GLU A 56 15.17 -0.40 -4.06
CA GLU A 56 14.74 -1.29 -2.98
C GLU A 56 13.24 -1.16 -2.74
N HIS A 57 12.65 -2.24 -2.27
CA HIS A 57 11.21 -2.32 -2.13
C HIS A 57 10.92 -2.58 -0.69
N ARG A 58 9.73 -2.17 -0.24
CA ARG A 58 9.39 -2.16 1.19
C ARG A 58 9.11 -3.55 1.75
N ASP A 59 8.90 -4.51 0.83
CA ASP A 59 8.74 -5.88 1.23
C ASP A 59 10.04 -6.65 1.41
N GLY A 60 11.17 -5.96 1.41
CA GLY A 60 12.47 -6.62 1.53
C GLY A 60 12.84 -7.64 0.44
N GLY A 61 12.12 -7.61 -0.67
CA GLY A 61 12.36 -8.53 -1.79
C GLY A 61 11.36 -9.68 -1.84
N HIS A 62 10.36 -9.65 -0.96
CA HIS A 62 9.38 -10.72 -0.92
C HIS A 62 8.72 -11.01 -2.26
N ALA A 63 8.17 -9.98 -2.93
CA ALA A 63 7.43 -10.24 -4.18
C ALA A 63 8.35 -10.52 -5.36
N GLY A 64 9.39 -9.72 -5.52
CA GLY A 64 10.16 -9.74 -6.75
C GLY A 64 11.55 -10.30 -6.61
N GLY A 65 11.98 -10.56 -5.37
CA GLY A 65 13.33 -11.06 -5.10
C GLY A 65 14.32 -10.02 -4.62
N ILE A 66 15.51 -10.48 -4.26
CA ILE A 66 16.60 -9.63 -3.73
C ILE A 66 17.65 -9.44 -4.82
N PHE A 67 17.83 -8.18 -5.26
CA PHE A 67 18.76 -7.88 -6.35
C PHE A 67 18.91 -6.38 -6.44
N ASN A 68 20.05 -5.93 -6.95
CA ASN A 68 20.29 -4.55 -7.24
C ASN A 68 20.38 -4.27 -8.72
N ARG A 69 20.46 -5.33 -9.52
CA ARG A 69 20.55 -5.16 -10.95
C ARG A 69 20.19 -6.44 -11.64
N TYR A 70 20.03 -6.34 -12.95
CA TYR A 70 19.68 -7.47 -13.77
C TYR A 70 20.81 -7.90 -14.69
N ASN A 71 20.69 -9.15 -15.11
CA ASN A 71 21.42 -9.65 -16.27
C ASN A 71 20.48 -9.69 -17.46
N ILE A 72 20.67 -8.76 -18.39
CA ILE A 72 19.81 -8.64 -19.57
C ILE A 72 20.26 -9.66 -20.60
N LEU A 73 19.33 -10.51 -21.00
CA LEU A 73 19.60 -11.64 -21.87
C LEU A 73 19.23 -11.35 -23.32
N LYS A 74 18.18 -10.56 -23.53
CA LYS A 74 17.70 -10.28 -24.87
C LYS A 74 16.76 -9.09 -24.80
N ILE A 75 16.82 -8.24 -25.83
CA ILE A 75 15.82 -7.21 -26.01
C ILE A 75 15.26 -7.32 -27.40
N GLN A 76 13.96 -7.49 -27.50
CA GLN A 76 13.26 -7.59 -28.77
C GLN A 76 12.28 -6.46 -28.97
N LYS A 77 12.25 -5.97 -30.19
CA LYS A 77 11.27 -4.99 -30.61
C LYS A 77 10.02 -5.75 -31.04
N VAL A 78 8.88 -5.28 -30.57
CA VAL A 78 7.62 -5.94 -30.83
C VAL A 78 6.94 -5.18 -31.97
N CYS A 79 6.68 -5.86 -33.08
CA CYS A 79 6.13 -5.26 -34.28
C CYS A 79 4.83 -5.89 -34.65
N ASN A 80 3.77 -5.10 -34.63
CA ASN A 80 2.43 -5.52 -35.03
C ASN A 80 1.74 -4.31 -35.53
N LYS A 81 1.49 -4.28 -36.83
CA LYS A 81 0.93 -3.10 -37.47
C LYS A 81 -0.48 -2.75 -36.94
N LYS A 82 -1.33 -3.77 -36.81
CA LYS A 82 -2.68 -3.52 -36.37
C LYS A 82 -2.72 -2.95 -34.94
N LEU A 83 -1.94 -3.53 -34.01
CA LEU A 83 -1.89 -3.03 -32.66
C LEU A 83 -1.29 -1.64 -32.59
N TRP A 84 -0.32 -1.34 -33.46
CA TRP A 84 0.30 -0.04 -33.50
C TRP A 84 -0.75 1.01 -33.88
N GLU A 85 -1.54 0.70 -34.88
CA GLU A 85 -2.50 1.65 -35.43
C GLU A 85 -3.65 1.87 -34.46
N ARG A 86 -4.00 0.81 -33.73
CA ARG A 86 -4.96 0.91 -32.64
C ARG A 86 -4.40 1.85 -31.55
N TYR A 87 -3.13 1.72 -31.22
CA TYR A 87 -2.50 2.65 -30.30
C TYR A 87 -2.53 4.11 -30.82
N THR A 88 -2.09 4.32 -32.05
CA THR A 88 -1.95 5.72 -32.57
C THR A 88 -3.32 6.38 -32.82
N HIS A 89 -4.32 5.57 -33.17
CA HIS A 89 -5.70 6.06 -33.32
C HIS A 89 -6.13 6.69 -31.98
N ARG A 90 -5.98 5.90 -30.92
CA ARG A 90 -6.44 6.35 -29.61
C ARG A 90 -5.60 7.54 -29.11
N ARG A 91 -4.30 7.52 -29.40
CA ARG A 91 -3.38 8.55 -29.00
C ARG A 91 -3.83 9.91 -29.58
N LYS A 92 -4.18 9.91 -30.87
CA LYS A 92 -4.73 11.13 -31.51
C LYS A 92 -6.02 11.61 -30.83
N GLU A 93 -6.88 10.67 -30.47
CA GLU A 93 -8.09 11.03 -29.75
C GLU A 93 -7.78 11.74 -28.43
N VAL A 94 -6.89 11.15 -27.64
CA VAL A 94 -6.52 11.73 -26.39
C VAL A 94 -5.89 13.08 -26.62
N SER A 95 -4.97 13.13 -27.58
CA SER A 95 -4.26 14.33 -27.89
C SER A 95 -5.22 15.49 -28.22
N GLU A 96 -6.24 15.23 -29.03
CA GLU A 96 -7.21 16.28 -29.38
C GLU A 96 -8.06 16.73 -28.20
N GLU A 97 -8.20 15.86 -27.21
CA GLU A 97 -8.92 16.20 -25.99
C GLU A 97 -8.02 16.93 -24.96
N ASN A 98 -6.74 17.17 -25.28
CA ASN A 98 -5.81 17.66 -24.27
C ASN A 98 -4.81 18.57 -24.95
N HIS A 99 -5.32 19.61 -25.61
CA HIS A 99 -4.50 20.61 -26.29
C HIS A 99 -3.35 20.01 -27.07
N ASN A 100 -3.65 18.99 -27.86
CA ASN A 100 -2.65 18.33 -28.70
C ASN A 100 -1.46 17.79 -27.93
N HIS A 101 -1.71 17.22 -26.77
CA HIS A 101 -0.67 16.68 -25.92
C HIS A 101 -1.09 15.31 -25.47
N ALA A 102 -0.53 14.28 -26.07
CA ALA A 102 -0.80 12.89 -25.66
C ALA A 102 -0.21 12.53 -24.29
N ASN A 103 0.85 13.22 -23.88
CA ASN A 103 1.53 12.96 -22.60
C ASN A 103 1.92 11.51 -22.59
N GLU A 104 2.75 11.18 -23.58
CA GLU A 104 3.23 9.84 -23.81
C GLU A 104 4.52 9.57 -23.03
N ARG A 105 4.55 8.40 -22.39
CA ARG A 105 5.67 7.96 -21.58
C ARG A 105 6.08 6.56 -22.03
N MET A 106 7.31 6.19 -21.69
CA MET A 106 7.76 4.82 -21.81
C MET A 106 7.87 4.26 -20.40
N LEU A 107 7.12 3.20 -20.13
CA LEU A 107 6.97 2.68 -18.80
C LEU A 107 7.00 1.16 -18.83
N PHE A 108 7.33 0.57 -17.69
CA PHE A 108 7.43 -0.86 -17.58
C PHE A 108 6.11 -1.49 -17.21
N HIS A 109 5.92 -2.71 -17.69
CA HIS A 109 4.79 -3.55 -17.32
C HIS A 109 5.28 -4.99 -17.13
N GLY A 110 5.00 -5.55 -15.97
CA GLY A 110 5.30 -6.93 -15.67
C GLY A 110 3.97 -7.63 -15.53
N SER A 111 3.87 -8.84 -16.06
CA SER A 111 2.63 -9.60 -16.03
C SER A 111 2.83 -11.07 -16.32
N PRO A 112 1.99 -11.94 -15.72
CA PRO A 112 2.02 -13.32 -16.20
C PRO A 112 1.54 -13.45 -17.62
N PHE A 113 0.90 -12.42 -18.17
CA PHE A 113 0.29 -12.55 -19.49
C PHE A 113 1.05 -11.85 -20.63
N VAL A 114 2.34 -11.62 -20.43
CA VAL A 114 3.17 -10.94 -21.42
C VAL A 114 3.07 -11.54 -22.80
N ASN A 115 2.98 -12.86 -22.89
CA ASN A 115 2.80 -13.52 -24.18
C ASN A 115 1.48 -13.20 -24.85
N ALA A 116 0.36 -13.20 -24.12
CA ALA A 116 -0.89 -12.80 -24.74
C ALA A 116 -0.83 -11.32 -25.14
N ILE A 117 -0.19 -10.50 -24.33
CA ILE A 117 -0.15 -9.05 -24.59
C ILE A 117 0.56 -8.73 -25.90
N ILE A 118 1.74 -9.30 -26.10
CA ILE A 118 2.47 -8.97 -27.31
C ILE A 118 1.78 -9.45 -28.59
N HIS A 119 0.94 -10.49 -28.49
CA HIS A 119 0.20 -11.03 -29.64
C HIS A 119 -1.15 -10.43 -29.87
N LYS A 120 -1.89 -10.11 -28.82
CA LYS A 120 -3.26 -9.59 -28.95
C LYS A 120 -3.47 -8.14 -28.44
N GLY A 121 -2.47 -7.52 -27.82
CA GLY A 121 -2.59 -6.14 -27.32
C GLY A 121 -3.05 -6.16 -25.88
N PHE A 122 -3.04 -5.01 -25.22
CA PHE A 122 -3.60 -4.88 -23.88
C PHE A 122 -5.14 -4.80 -23.98
N ASP A 123 -5.84 -5.40 -23.02
CA ASP A 123 -7.27 -5.27 -22.89
C ASP A 123 -7.67 -5.57 -21.43
N GLU A 124 -8.98 -5.60 -21.15
CA GLU A 124 -9.46 -5.79 -19.76
C GLU A 124 -8.93 -7.03 -19.04
N ARG A 125 -8.55 -8.07 -19.78
CA ARG A 125 -8.01 -9.29 -19.17
C ARG A 125 -6.63 -9.10 -18.58
N HIS A 126 -5.99 -7.97 -18.87
CA HIS A 126 -4.67 -7.66 -18.32
C HIS A 126 -4.70 -6.64 -17.18
N ALA A 127 -5.91 -6.29 -16.73
CA ALA A 127 -6.14 -5.32 -15.66
C ALA A 127 -5.82 -5.90 -14.31
N TYR A 128 -5.41 -5.04 -13.38
CA TYR A 128 -5.18 -5.42 -12.02
C TYR A 128 -6.46 -5.03 -11.29
N ILE A 129 -7.37 -6.00 -11.20
CA ILE A 129 -8.70 -5.74 -10.65
C ILE A 129 -8.58 -5.13 -9.26
N GLY A 130 -7.74 -5.69 -8.42
CA GLY A 130 -7.59 -5.18 -7.07
C GLY A 130 -6.57 -4.06 -6.86
N GLY A 131 -6.13 -3.39 -7.92
CA GLY A 131 -5.14 -2.33 -7.75
C GLY A 131 -5.64 -1.14 -6.91
N MET A 132 -4.71 -0.38 -6.37
CA MET A 132 -5.05 0.70 -5.43
C MET A 132 -5.72 1.91 -6.08
N PHE A 133 -5.64 1.99 -7.41
CA PHE A 133 -6.32 3.04 -8.16
C PHE A 133 -7.41 2.45 -9.03
N GLY A 134 -7.94 1.30 -8.60
CA GLY A 134 -9.04 0.63 -9.28
C GLY A 134 -8.60 -0.33 -10.37
N ALA A 135 -9.57 -0.99 -10.98
CA ALA A 135 -9.32 -1.98 -11.99
C ALA A 135 -8.87 -1.28 -13.26
N GLY A 136 -7.57 -1.32 -13.53
CA GLY A 136 -7.06 -0.89 -14.83
C GLY A 136 -5.71 -1.55 -15.06
N ILE A 137 -5.00 -1.07 -16.06
CA ILE A 137 -3.76 -1.68 -16.45
C ILE A 137 -2.67 -0.79 -15.89
N TYR A 138 -1.77 -1.38 -15.11
CA TYR A 138 -0.83 -0.66 -14.30
C TYR A 138 0.55 -0.64 -14.94
N PHE A 139 1.20 0.50 -14.87
CA PHE A 139 2.59 0.63 -15.37
C PHE A 139 3.47 1.31 -14.34
N ALA A 140 4.77 1.08 -14.43
CA ALA A 140 5.70 1.65 -13.43
C ALA A 140 6.92 2.31 -14.08
N GLU A 141 7.42 3.35 -13.44
CA GLU A 141 8.69 3.94 -13.84
C GLU A 141 9.84 3.07 -13.32
N ASN A 142 9.65 2.45 -12.16
CA ASN A 142 10.66 1.56 -11.60
C ASN A 142 10.52 0.17 -12.24
N SER A 143 11.51 -0.22 -13.04
CA SER A 143 11.53 -1.58 -13.57
C SER A 143 11.34 -2.63 -12.46
N SER A 144 11.96 -2.38 -11.30
CA SER A 144 11.91 -3.29 -10.14
C SER A 144 10.47 -3.43 -9.57
N LYS A 145 9.64 -2.38 -9.68
CA LYS A 145 8.23 -2.51 -9.35
C LYS A 145 7.47 -3.47 -10.30
N SER A 146 7.64 -3.30 -11.60
CA SER A 146 7.03 -4.22 -12.57
C SER A 146 7.55 -5.65 -12.40
N ASN A 147 8.81 -5.80 -12.02
CA ASN A 147 9.38 -7.12 -11.71
C ASN A 147 8.61 -7.93 -10.66
N GLN A 148 7.98 -7.23 -9.71
CA GLN A 148 7.20 -7.84 -8.66
C GLN A 148 5.94 -8.54 -9.19
N TYR A 149 5.52 -8.22 -10.42
CA TYR A 149 4.32 -8.82 -10.99
C TYR A 149 4.55 -9.87 -12.07
N VAL A 150 5.80 -10.10 -12.44
CA VAL A 150 6.16 -11.07 -13.49
C VAL A 150 5.54 -12.47 -13.25
N TYR A 151 5.58 -12.94 -12.00
CA TYR A 151 5.02 -14.25 -11.61
C TYR A 151 3.66 -14.15 -10.96
N GLY A 152 3.03 -12.99 -11.09
CA GLY A 152 1.70 -12.78 -10.54
C GLY A 152 1.68 -11.69 -9.49
N ILE A 153 0.48 -11.36 -9.01
CA ILE A 153 0.27 -10.37 -7.94
C ILE A 153 1.05 -10.81 -6.70
N GLY A 154 1.79 -9.89 -6.09
CA GLY A 154 2.66 -10.27 -4.99
C GLY A 154 3.74 -11.28 -5.37
N GLY A 155 3.97 -11.49 -6.67
CA GLY A 155 4.97 -12.44 -7.10
C GLY A 155 4.47 -13.88 -7.19
N GLY A 156 3.19 -14.09 -6.89
CA GLY A 156 2.55 -15.39 -6.91
C GLY A 156 3.31 -16.38 -6.08
N THR A 157 3.56 -17.55 -6.66
CA THR A 157 4.37 -18.58 -6.04
C THR A 157 5.80 -18.57 -6.61
N GLY A 158 6.18 -17.48 -7.28
CA GLY A 158 7.52 -17.39 -7.84
C GLY A 158 7.59 -18.18 -9.13
N CYS A 159 8.81 -18.48 -9.57
CA CYS A 159 9.04 -19.10 -10.87
C CYS A 159 8.36 -20.46 -10.95
N PRO A 160 7.86 -20.84 -12.14
CA PRO A 160 7.19 -22.14 -12.24
C PRO A 160 8.09 -23.34 -11.97
N VAL A 161 9.39 -23.23 -12.21
CA VAL A 161 10.26 -24.38 -12.08
C VAL A 161 10.71 -24.59 -10.64
N HIS A 162 11.12 -23.53 -9.93
CA HIS A 162 11.57 -23.69 -8.53
C HIS A 162 10.65 -23.13 -7.48
N LYS A 163 9.52 -22.53 -7.85
CA LYS A 163 8.62 -21.89 -6.85
C LYS A 163 9.35 -20.88 -5.98
N ASP A 164 10.22 -20.09 -6.62
CA ASP A 164 11.07 -19.17 -5.91
C ASP A 164 10.90 -17.73 -6.47
N ARG A 165 10.30 -16.85 -5.69
CA ARG A 165 10.08 -15.48 -6.13
C ARG A 165 11.35 -14.70 -6.33
N SER A 166 12.44 -15.21 -5.73
CA SER A 166 13.77 -14.64 -5.87
C SER A 166 14.68 -15.56 -6.70
N CYS A 167 14.12 -16.33 -7.62
CA CYS A 167 14.95 -17.21 -8.45
C CYS A 167 15.96 -16.41 -9.26
N TYR A 168 17.23 -16.80 -9.18
CA TYR A 168 18.31 -16.20 -9.97
C TYR A 168 18.64 -16.97 -11.25
N ILE A 169 17.91 -18.06 -11.49
CA ILE A 169 18.17 -18.95 -12.60
C ILE A 169 17.19 -18.73 -13.75
N CYS A 170 15.90 -18.73 -13.40
CA CYS A 170 14.87 -18.70 -14.40
C CYS A 170 14.82 -17.32 -15.11
N HIS A 171 14.46 -17.39 -16.39
CA HIS A 171 14.34 -16.25 -17.28
C HIS A 171 13.00 -15.55 -17.04
N ARG A 172 13.08 -14.24 -16.87
CA ARG A 172 11.92 -13.39 -16.64
C ARG A 172 11.75 -12.49 -17.85
N GLN A 173 10.54 -11.98 -18.02
CA GLN A 173 10.25 -11.03 -19.09
C GLN A 173 9.43 -9.86 -18.59
N LEU A 174 9.83 -8.66 -18.99
CA LEU A 174 9.07 -7.43 -18.77
C LEU A 174 8.79 -6.81 -20.11
N LEU A 175 7.78 -5.95 -20.15
CA LEU A 175 7.54 -5.12 -21.33
C LEU A 175 7.95 -3.69 -21.00
N PHE A 176 8.56 -3.03 -21.95
CA PHE A 176 8.82 -1.57 -21.85
C PHE A 176 7.90 -0.95 -22.88
N CYS A 177 6.88 -0.22 -22.42
CA CYS A 177 5.73 0.15 -23.22
C CYS A 177 5.60 1.63 -23.47
N ARG A 178 5.02 1.95 -24.62
CA ARG A 178 4.64 3.33 -24.92
C ARG A 178 3.21 3.50 -24.44
N VAL A 179 3.01 4.46 -23.54
CA VAL A 179 1.75 4.66 -22.85
C VAL A 179 1.27 6.11 -22.97
N THR A 180 0.02 6.29 -23.39
CA THR A 180 -0.57 7.59 -23.49
C THR A 180 -1.28 7.90 -22.18
N LEU A 181 -0.84 8.94 -21.47
CA LEU A 181 -1.52 9.31 -20.21
C LEU A 181 -2.58 10.39 -20.35
N GLY A 182 -2.46 11.19 -21.41
CA GLY A 182 -3.32 12.36 -21.57
C GLY A 182 -3.38 13.16 -20.28
N LYS A 183 -4.57 13.63 -19.91
CA LYS A 183 -4.77 14.35 -18.65
C LYS A 183 -4.84 13.33 -17.56
N SER A 184 -3.82 13.29 -16.69
CA SER A 184 -3.73 12.24 -15.68
C SER A 184 -4.22 12.76 -14.32
N PHE A 185 -5.10 12.01 -13.66
CA PHE A 185 -5.53 12.33 -12.29
C PHE A 185 -4.42 11.99 -11.28
N LEU A 186 -3.96 13.00 -10.54
CA LEU A 186 -2.89 12.90 -9.57
C LEU A 186 -3.45 12.43 -8.22
N GLN A 187 -3.01 11.26 -7.81
CA GLN A 187 -3.35 10.66 -6.53
C GLN A 187 -2.08 10.63 -5.71
N PHE A 188 -2.06 11.35 -4.59
CA PHE A 188 -0.93 11.33 -3.67
C PHE A 188 -1.17 10.09 -2.83
N SER A 189 -0.14 9.35 -2.47
CA SER A 189 -0.41 8.07 -1.80
C SER A 189 0.84 7.42 -1.26
N ALA A 190 0.64 6.57 -0.25
CA ALA A 190 1.72 5.83 0.44
C ALA A 190 2.25 4.63 -0.35
N MET A 193 -13.24 -3.36 -16.91
CA MET A 193 -12.49 -2.63 -15.89
C MET A 193 -13.13 -1.24 -15.60
N ALA A 194 -12.59 -0.50 -14.65
CA ALA A 194 -13.16 0.81 -14.25
C ALA A 194 -13.01 1.85 -15.36
N HIS A 195 -13.56 3.03 -15.12
CA HIS A 195 -13.36 4.16 -16.02
C HIS A 195 -12.31 5.11 -15.43
N SER A 196 -11.75 5.95 -16.29
CA SER A 196 -10.95 7.09 -15.85
C SER A 196 -11.81 7.98 -14.99
N PRO A 197 -11.20 8.66 -14.00
CA PRO A 197 -11.95 9.73 -13.38
C PRO A 197 -12.52 10.67 -14.44
N PRO A 198 -13.75 11.18 -14.23
CA PRO A 198 -14.32 12.13 -15.21
C PRO A 198 -13.35 13.25 -15.62
N GLY A 199 -13.25 13.50 -16.93
CA GLY A 199 -12.34 14.51 -17.47
C GLY A 199 -10.84 14.16 -17.49
N HIS A 200 -10.49 12.90 -17.24
CA HIS A 200 -9.08 12.46 -17.20
C HIS A 200 -8.89 11.23 -18.08
N HIS A 201 -7.67 10.96 -18.53
CA HIS A 201 -7.42 9.77 -19.37
C HIS A 201 -6.63 8.68 -18.65
N SER A 202 -6.19 8.95 -17.44
CA SER A 202 -5.37 8.00 -16.68
C SER A 202 -5.30 8.45 -15.24
N VAL A 203 -4.64 7.65 -14.40
CA VAL A 203 -4.35 8.02 -13.03
C VAL A 203 -2.83 7.90 -12.82
N THR A 204 -2.27 8.86 -12.08
CA THR A 204 -0.88 8.80 -11.61
C THR A 204 -0.88 8.56 -10.13
N GLY A 205 -0.22 7.51 -9.71
CA GLY A 205 0.01 7.25 -8.30
C GLY A 205 1.33 7.84 -7.92
N ARG A 206 1.27 9.00 -7.28
CA ARG A 206 2.47 9.70 -6.84
C ARG A 206 2.91 9.14 -5.47
N PRO A 207 4.15 8.67 -5.38
CA PRO A 207 4.65 8.17 -4.10
C PRO A 207 4.74 9.30 -3.08
N SER A 208 4.16 9.12 -1.89
CA SER A 208 4.08 10.19 -0.83
C SER A 208 4.63 9.75 0.54
N VAL A 209 5.45 8.70 0.57
CA VAL A 209 6.05 8.20 1.82
C VAL A 209 7.49 7.78 1.51
N ASN A 210 7.63 6.79 0.63
CA ASN A 210 8.93 6.34 0.16
C ASN A 210 9.46 7.36 -0.85
N GLY A 211 10.35 8.21 -0.29
CA GLY A 211 11.04 9.23 -1.06
C GLY A 211 11.86 8.71 -2.22
N LEU A 212 12.20 7.42 -2.27
CA LEU A 212 12.95 6.91 -3.45
C LEU A 212 12.07 6.30 -4.55
N ALA A 213 10.81 6.04 -4.25
CA ALA A 213 9.87 5.42 -5.20
C ALA A 213 9.59 6.31 -6.37
N LEU A 214 9.58 5.77 -7.58
CA LEU A 214 9.06 6.52 -8.72
C LEU A 214 7.55 6.28 -8.87
N ALA A 215 6.91 7.07 -9.73
CA ALA A 215 5.49 6.97 -9.97
C ALA A 215 5.05 5.70 -10.66
N GLU A 216 3.78 5.39 -10.44
CA GLU A 216 3.03 4.33 -11.10
C GLU A 216 1.84 5.00 -11.77
N TYR A 217 1.37 4.40 -12.86
CA TYR A 217 0.34 5.00 -13.69
C TYR A 217 -0.68 3.93 -14.01
N VAL A 218 -1.96 4.33 -14.16
CA VAL A 218 -3.03 3.41 -14.54
C VAL A 218 -3.82 3.98 -15.72
N ILE A 219 -4.05 3.15 -16.73
CA ILE A 219 -4.95 3.47 -17.86
C ILE A 219 -6.12 2.49 -17.81
N TYR A 220 -7.24 2.88 -18.40
CA TYR A 220 -8.47 2.12 -18.30
C TYR A 220 -8.92 1.72 -19.68
N ARG A 221 -8.01 1.87 -20.66
CA ARG A 221 -8.28 1.43 -22.02
C ARG A 221 -7.04 0.82 -22.57
N GLY A 222 -7.14 -0.44 -23.00
CA GLY A 222 -6.00 -1.14 -23.58
C GLY A 222 -5.33 -0.45 -24.74
N GLU A 223 -6.12 0.27 -25.52
CA GLU A 223 -5.62 0.99 -26.68
C GLU A 223 -4.67 2.13 -26.35
N GLN A 224 -4.55 2.49 -25.07
CA GLN A 224 -3.62 3.56 -24.64
C GLN A 224 -2.21 3.07 -24.31
N ALA A 225 -1.89 1.81 -24.58
CA ALA A 225 -0.52 1.34 -24.47
C ALA A 225 -0.16 0.47 -25.65
N TYR A 226 1.11 0.52 -26.03
CA TYR A 226 1.66 -0.37 -27.02
C TYR A 226 2.94 -1.02 -26.44
N PRO A 227 3.02 -2.37 -26.48
CA PRO A 227 4.14 -3.07 -25.86
C PRO A 227 5.37 -3.12 -26.77
N GLU A 228 6.17 -2.07 -26.71
CA GLU A 228 7.20 -1.83 -27.71
C GLU A 228 8.41 -2.73 -27.57
N TYR A 229 8.87 -2.97 -26.36
CA TYR A 229 10.01 -3.87 -26.16
C TYR A 229 9.69 -5.01 -25.20
N LEU A 230 10.11 -6.21 -25.61
CA LEU A 230 10.08 -7.39 -24.76
C LEU A 230 11.51 -7.64 -24.27
N ILE A 231 11.68 -7.60 -22.98
CA ILE A 231 12.99 -7.70 -22.37
C ILE A 231 13.05 -8.98 -21.59
N THR A 232 14.01 -9.83 -21.95
CA THR A 232 14.23 -11.10 -21.26
C THR A 232 15.45 -10.97 -20.36
N TYR A 233 15.32 -11.33 -19.09
CA TYR A 233 16.40 -11.06 -18.13
C TYR A 233 16.40 -12.01 -16.95
N GLN A 234 17.49 -12.00 -16.20
CA GLN A 234 17.50 -12.52 -14.85
C GLN A 234 17.80 -11.43 -13.83
N ILE A 235 17.24 -11.57 -12.62
CA ILE A 235 17.69 -10.75 -11.51
C ILE A 235 19.01 -11.33 -11.02
N MET A 236 19.89 -10.49 -10.54
CA MET A 236 21.22 -10.97 -10.14
C MET A 236 21.36 -10.96 -8.64
N ARG A 237 21.88 -12.06 -8.09
CA ARG A 237 22.16 -12.17 -6.65
C ARG A 237 23.21 -11.13 -6.25
N PRO A 238 22.90 -10.26 -5.28
CA PRO A 238 23.93 -9.28 -4.91
C PRO A 238 25.16 -9.97 -4.29
N GLU A 239 26.34 -9.37 -4.40
CA GLU A 239 27.61 -10.01 -4.00
C GLU A 239 28.06 -9.58 -2.62
N GLY B 30 14.87 -2.14 9.90
CA GLY B 30 14.58 -3.58 10.10
C GLY B 30 13.17 -3.97 9.71
N THR B 31 12.36 -3.05 9.22
CA THR B 31 10.95 -3.38 8.96
C THR B 31 10.73 -3.80 7.53
N ILE B 32 10.06 -4.93 7.33
CA ILE B 32 9.50 -5.28 6.03
C ILE B 32 7.97 -5.32 6.10
N LEU B 33 7.33 -4.91 5.00
CA LEU B 33 5.87 -5.02 4.88
C LEU B 33 5.52 -6.07 3.85
N ILE B 34 4.66 -7.01 4.24
CA ILE B 34 4.19 -8.05 3.34
C ILE B 34 2.74 -7.78 3.03
N ASP B 35 2.40 -7.64 1.74
CA ASP B 35 1.02 -7.46 1.34
C ASP B 35 0.21 -8.69 1.60
N LEU B 36 -1.02 -8.52 2.09
CA LEU B 36 -1.92 -9.64 2.17
C LEU B 36 -2.85 -9.59 0.96
N SER B 37 -3.18 -10.76 0.42
CA SER B 37 -4.15 -10.88 -0.63
C SER B 37 -5.55 -10.73 -0.07
N PRO B 38 -6.44 -10.05 -0.80
CA PRO B 38 -7.85 -9.97 -0.51
C PRO B 38 -8.52 -11.33 -0.40
N ASP B 39 -7.96 -12.32 -1.10
CA ASP B 39 -8.43 -13.71 -1.04
C ASP B 39 -7.99 -14.44 0.20
N ASP B 40 -7.12 -13.83 0.98
CA ASP B 40 -6.59 -14.44 2.19
C ASP B 40 -7.60 -14.20 3.33
N LYS B 41 -7.88 -15.22 4.12
CA LYS B 41 -8.73 -15.07 5.29
C LYS B 41 -8.19 -14.03 6.28
N GLU B 42 -6.88 -13.89 6.37
CA GLU B 42 -6.32 -12.90 7.27
C GLU B 42 -6.70 -11.47 6.86
N PHE B 43 -6.61 -11.18 5.56
CA PHE B 43 -7.03 -9.89 4.98
C PHE B 43 -8.49 -9.66 5.34
N GLN B 44 -9.28 -10.69 5.11
CA GLN B 44 -10.73 -10.59 5.27
C GLN B 44 -11.14 -10.36 6.69
N SER B 45 -10.44 -10.96 7.65
CA SER B 45 -10.78 -10.74 9.06
CA SER B 45 -10.74 -10.76 9.07
C SER B 45 -10.43 -9.31 9.51
N VAL B 46 -9.27 -8.84 9.12
CA VAL B 46 -8.84 -7.49 9.45
C VAL B 46 -9.82 -6.49 8.81
N GLU B 47 -10.14 -6.67 7.53
CA GLU B 47 -11.16 -5.82 6.90
C GLU B 47 -12.47 -5.80 7.69
N GLU B 48 -12.93 -6.97 8.12
CA GLU B 48 -14.22 -7.02 8.83
C GLU B 48 -14.17 -6.31 10.21
N GLU B 49 -13.06 -6.46 10.92
CA GLU B 49 -12.84 -5.70 12.14
C GLU B 49 -12.84 -4.18 11.87
N MET B 50 -12.20 -3.74 10.79
CA MET B 50 -12.32 -2.33 10.36
C MET B 50 -13.81 -1.93 10.14
N GLN B 51 -14.47 -2.65 9.25
CA GLN B 51 -15.80 -2.25 8.79
C GLN B 51 -16.82 -2.34 9.90
N SER B 52 -16.74 -3.39 10.70
CA SER B 52 -17.78 -3.70 11.67
C SER B 52 -17.66 -2.79 12.90
N THR B 53 -16.57 -2.01 13.05
CA THR B 53 -16.42 -1.13 14.21
C THR B 53 -16.49 0.38 13.88
N VAL B 54 -17.00 0.68 12.70
CA VAL B 54 -17.39 2.05 12.41
C VAL B 54 -18.61 2.37 13.24
N ARG B 55 -18.63 3.58 13.82
CA ARG B 55 -19.84 4.09 14.46
C ARG B 55 -20.00 5.56 14.13
N GLU B 56 -21.16 6.09 14.48
CA GLU B 56 -21.40 7.55 14.40
C GLU B 56 -20.66 8.19 15.56
N HIS B 57 -20.20 9.41 15.34
CA HIS B 57 -19.46 10.16 16.31
C HIS B 57 -20.22 11.44 16.60
N ARG B 58 -20.11 11.89 17.84
CA ARG B 58 -20.92 13.00 18.36
C ARG B 58 -20.53 14.34 17.74
N ASP B 59 -19.37 14.41 17.06
CA ASP B 59 -18.98 15.62 16.33
C ASP B 59 -19.56 15.72 14.94
N GLY B 60 -20.46 14.80 14.58
CA GLY B 60 -21.12 14.83 13.27
C GLY B 60 -20.19 14.49 12.09
N GLY B 61 -18.98 14.00 12.36
CA GLY B 61 -17.99 13.81 11.30
C GLY B 61 -16.89 14.86 11.21
N HIS B 62 -16.92 15.84 12.09
CA HIS B 62 -16.01 16.96 12.02
C HIS B 62 -14.52 16.56 11.98
N ALA B 63 -14.11 15.68 12.88
CA ALA B 63 -12.72 15.27 12.97
C ALA B 63 -12.34 14.27 11.91
N GLY B 64 -13.17 13.25 11.73
CA GLY B 64 -12.83 12.12 10.93
C GLY B 64 -13.47 12.00 9.56
N GLY B 65 -14.49 12.81 9.31
CA GLY B 65 -15.26 12.73 8.09
C GLY B 65 -16.60 12.05 8.26
N ILE B 66 -17.41 12.12 7.21
CA ILE B 66 -18.75 11.57 7.23
C ILE B 66 -18.70 10.32 6.38
N PHE B 67 -18.92 9.18 7.04
CA PHE B 67 -18.89 7.86 6.36
C PHE B 67 -19.53 6.77 7.22
N ASN B 68 -19.98 5.70 6.57
CA ASN B 68 -20.44 4.51 7.25
C ASN B 68 -19.56 3.30 7.02
N ARG B 69 -18.63 3.38 6.07
CA ARG B 69 -17.77 2.27 5.72
C ARG B 69 -16.54 2.75 4.99
N TYR B 70 -15.56 1.86 4.85
CA TYR B 70 -14.33 2.19 4.19
C TYR B 70 -14.21 1.46 2.85
N ASN B 71 -13.37 2.03 2.00
CA ASN B 71 -12.83 1.31 0.88
C ASN B 71 -11.43 0.84 1.25
N ILE B 72 -11.25 -0.44 1.58
CA ILE B 72 -9.93 -0.95 1.99
C ILE B 72 -9.05 -1.17 0.75
N LEU B 73 -7.91 -0.52 0.68
CA LEU B 73 -7.10 -0.53 -0.49
C LEU B 73 -6.00 -1.56 -0.36
N LYS B 74 -5.50 -1.74 0.86
CA LYS B 74 -4.35 -2.58 1.08
C LYS B 74 -4.22 -2.92 2.57
N ILE B 75 -3.83 -4.16 2.87
CA ILE B 75 -3.51 -4.54 4.24
C ILE B 75 -2.15 -5.20 4.23
N GLN B 76 -1.20 -4.61 4.94
CA GLN B 76 0.15 -5.16 5.06
C GLN B 76 0.50 -5.62 6.48
N LYS B 77 1.13 -6.78 6.49
CA LYS B 77 1.77 -7.32 7.67
C LYS B 77 3.11 -6.58 7.90
N VAL B 78 3.31 -6.09 9.11
CA VAL B 78 4.53 -5.36 9.52
C VAL B 78 5.47 -6.29 10.29
N CYS B 79 6.69 -6.52 9.81
CA CYS B 79 7.57 -7.51 10.40
C CYS B 79 8.87 -6.85 10.75
N ASN B 80 9.23 -6.88 12.02
CA ASN B 80 10.43 -6.29 12.50
C ASN B 80 10.81 -7.09 13.73
N LYS B 81 11.92 -7.82 13.57
CA LYS B 81 12.40 -8.79 14.54
C LYS B 81 12.74 -8.10 15.84
N LYS B 82 13.49 -7.03 15.76
CA LYS B 82 13.86 -6.30 16.97
C LYS B 82 12.64 -5.77 17.72
N LEU B 83 11.71 -5.13 17.01
CA LEU B 83 10.50 -4.58 17.65
C LEU B 83 9.62 -5.67 18.22
N TRP B 84 9.53 -6.81 17.54
CA TRP B 84 8.74 -7.92 18.04
C TRP B 84 9.32 -8.44 19.35
N GLU B 85 10.65 -8.62 19.37
CA GLU B 85 11.34 -9.11 20.56
C GLU B 85 11.18 -8.14 21.73
N ARG B 86 11.29 -6.85 21.44
CA ARG B 86 11.02 -5.81 22.44
C ARG B 86 9.58 -5.95 22.99
N TYR B 87 8.61 -6.14 22.09
CA TYR B 87 7.22 -6.36 22.49
C TYR B 87 7.06 -7.61 23.37
N THR B 88 7.54 -8.77 22.90
CA THR B 88 7.39 -10.02 23.65
C THR B 88 8.15 -10.08 24.96
N HIS B 89 9.21 -9.29 25.10
CA HIS B 89 9.95 -9.24 26.34
C HIS B 89 9.13 -8.46 27.36
N ARG B 90 8.56 -7.33 26.93
CA ARG B 90 7.68 -6.59 27.80
C ARG B 90 6.41 -7.38 28.13
N ARG B 91 5.84 -8.07 27.16
CA ARG B 91 4.63 -8.85 27.38
C ARG B 91 4.83 -9.88 28.49
N LYS B 92 6.01 -10.49 28.52
CA LYS B 92 6.38 -11.47 29.56
C LYS B 92 6.49 -10.85 30.96
N GLU B 93 7.11 -9.69 31.07
CA GLU B 93 7.14 -8.97 32.36
C GLU B 93 5.74 -8.67 32.85
N VAL B 94 4.91 -8.10 31.98
CA VAL B 94 3.55 -7.72 32.35
C VAL B 94 2.74 -8.96 32.71
N SER B 95 2.87 -10.00 31.88
CA SER B 95 2.17 -11.21 32.11
C SER B 95 2.47 -11.81 33.49
N GLU B 96 3.75 -11.87 33.85
CA GLU B 96 4.16 -12.42 35.15
C GLU B 96 3.69 -11.57 36.32
N GLU B 97 3.73 -10.27 36.14
CA GLU B 97 3.25 -9.36 37.16
C GLU B 97 1.77 -9.40 37.32
N ASN B 98 1.05 -9.82 36.28
CA ASN B 98 -0.42 -9.92 36.33
C ASN B 98 -0.81 -11.41 36.40
N HIS B 99 -0.01 -12.19 37.11
CA HIS B 99 -0.34 -13.59 37.45
C HIS B 99 -0.66 -14.44 36.26
N ASN B 100 0.26 -14.32 35.30
CA ASN B 100 0.31 -15.09 34.07
CA ASN B 100 0.29 -15.09 34.07
C ASN B 100 -0.86 -14.74 33.14
N HIS B 101 -1.06 -13.45 32.92
CA HIS B 101 -2.13 -12.97 32.07
C HIS B 101 -1.73 -11.66 31.42
N ALA B 102 -1.33 -11.72 30.16
CA ALA B 102 -0.91 -10.54 29.39
C ALA B 102 -2.08 -9.62 29.15
N ASN B 103 -3.27 -10.19 29.03
CA ASN B 103 -4.46 -9.40 28.70
C ASN B 103 -4.21 -8.71 27.38
N GLU B 104 -3.88 -9.52 26.37
CA GLU B 104 -3.47 -9.02 25.08
C GLU B 104 -4.67 -8.86 24.15
N ARG B 105 -4.73 -7.72 23.48
CA ARG B 105 -5.85 -7.33 22.58
C ARG B 105 -5.34 -6.94 21.20
N MET B 106 -6.24 -6.94 20.21
CA MET B 106 -5.97 -6.29 18.91
C MET B 106 -6.80 -5.01 18.87
N LEU B 107 -6.13 -3.88 18.68
CA LEU B 107 -6.77 -2.58 18.73
C LEU B 107 -6.25 -1.63 17.65
N PHE B 108 -7.10 -0.70 17.23
CA PHE B 108 -6.72 0.26 16.22
C PHE B 108 -5.90 1.42 16.78
N HIS B 109 -5.03 1.97 15.95
CA HIS B 109 -4.31 3.22 16.25
C HIS B 109 -4.22 4.07 15.00
N GLY B 110 -4.65 5.33 15.13
CA GLY B 110 -4.56 6.30 14.09
C GLY B 110 -3.63 7.41 14.54
N SER B 111 -2.78 7.86 13.62
CA SER B 111 -1.79 8.86 13.98
C SER B 111 -1.08 9.43 12.76
N PRO B 112 -0.73 10.73 12.82
CA PRO B 112 0.17 11.28 11.79
C PRO B 112 1.57 10.66 11.80
N PHE B 113 1.93 9.87 12.80
CA PHE B 113 3.31 9.33 12.87
C PHE B 113 3.38 7.85 12.47
N VAL B 114 2.33 7.37 11.80
CA VAL B 114 2.26 5.98 11.40
C VAL B 114 3.54 5.53 10.66
N ASN B 115 4.12 6.37 9.81
CA ASN B 115 5.38 5.96 9.13
C ASN B 115 6.55 5.77 10.12
N ALA B 116 6.67 6.66 11.09
CA ALA B 116 7.69 6.50 12.13
C ALA B 116 7.50 5.25 12.99
N ILE B 117 6.24 4.98 13.35
CA ILE B 117 5.90 3.88 14.24
C ILE B 117 6.29 2.52 13.69
N ILE B 118 5.97 2.27 12.43
CA ILE B 118 6.26 0.96 11.84
C ILE B 118 7.76 0.68 11.69
N HIS B 119 8.56 1.75 11.62
CA HIS B 119 10.01 1.62 11.51
C HIS B 119 10.73 1.65 12.83
N LYS B 120 10.31 2.53 13.75
CA LYS B 120 10.98 2.70 15.01
C LYS B 120 10.24 2.14 16.20
N GLY B 121 8.97 1.81 16.05
CA GLY B 121 8.18 1.28 17.16
C GLY B 121 7.48 2.41 17.86
N PHE B 122 6.63 2.07 18.82
CA PHE B 122 5.96 3.08 19.65
C PHE B 122 6.89 3.59 20.72
N ASP B 123 6.88 4.89 20.98
CA ASP B 123 7.51 5.42 22.18
C ASP B 123 6.89 6.76 22.56
N GLU B 124 7.44 7.39 23.59
CA GLU B 124 6.83 8.62 24.17
C GLU B 124 6.44 9.66 23.10
N ARG B 125 7.12 9.68 21.95
CA ARG B 125 6.80 10.66 20.90
C ARG B 125 5.44 10.40 20.29
N HIS B 126 4.88 9.20 20.51
CA HIS B 126 3.56 8.83 19.94
C HIS B 126 2.35 8.96 20.91
N ALA B 127 2.63 9.55 22.06
CA ALA B 127 1.67 9.74 23.12
C ALA B 127 0.77 10.93 22.81
N TYR B 128 -0.43 10.88 23.37
CA TYR B 128 -1.41 11.95 23.26
C TYR B 128 -1.35 12.61 24.61
N ILE B 129 -0.57 13.68 24.68
CA ILE B 129 -0.22 14.30 25.94
C ILE B 129 -1.48 14.85 26.61
N GLY B 130 -2.43 15.33 25.82
CA GLY B 130 -3.66 15.92 26.35
C GLY B 130 -4.82 14.97 26.43
N GLY B 131 -4.57 13.67 26.39
CA GLY B 131 -5.67 12.71 26.36
C GLY B 131 -6.36 12.67 27.72
N MET B 132 -7.64 12.31 27.71
CA MET B 132 -8.46 12.29 28.93
C MET B 132 -8.01 11.30 30.02
N PHE B 133 -7.27 10.28 29.65
CA PHE B 133 -6.74 9.34 30.64
C PHE B 133 -5.24 9.47 30.81
N GLY B 134 -4.75 10.71 30.66
CA GLY B 134 -3.36 10.98 30.93
C GLY B 134 -2.51 10.86 29.69
N ALA B 135 -1.25 11.26 29.83
CA ALA B 135 -0.30 11.25 28.71
C ALA B 135 0.19 9.82 28.45
N GLY B 136 -0.38 9.18 27.45
CA GLY B 136 -0.04 7.80 27.13
C GLY B 136 -0.33 7.55 25.68
N ILE B 137 -0.18 6.31 25.24
CA ILE B 137 -0.44 5.96 23.86
C ILE B 137 -1.85 5.33 23.81
N TYR B 138 -2.69 5.90 22.96
CA TYR B 138 -4.11 5.60 22.91
C TYR B 138 -4.45 4.65 21.76
N PHE B 139 -5.33 3.70 22.04
CA PHE B 139 -5.83 2.74 21.08
C PHE B 139 -7.36 2.66 21.18
N ALA B 140 -8.01 2.27 20.08
CA ALA B 140 -9.49 2.21 20.03
C ALA B 140 -10.00 0.85 19.57
N GLU B 141 -11.14 0.41 20.14
CA GLU B 141 -11.88 -0.69 19.58
C GLU B 141 -12.67 -0.24 18.35
N ASN B 142 -13.09 1.03 18.33
CA ASN B 142 -13.75 1.54 17.14
C ASN B 142 -12.74 2.00 16.13
N SER B 143 -12.64 1.33 14.98
CA SER B 143 -11.78 1.81 13.91
C SER B 143 -12.03 3.32 13.59
N SER B 144 -13.30 3.70 13.59
CA SER B 144 -13.72 5.10 13.28
C SER B 144 -13.20 6.07 14.34
N LYS B 145 -12.93 5.60 15.56
CA LYS B 145 -12.37 6.47 16.59
C LYS B 145 -10.89 6.79 16.24
N SER B 146 -10.14 5.76 15.89
CA SER B 146 -8.77 5.93 15.41
C SER B 146 -8.69 6.76 14.13
N ASN B 147 -9.66 6.60 13.22
CA ASN B 147 -9.72 7.42 12.00
C ASN B 147 -9.76 8.94 12.28
N GLN B 148 -10.31 9.32 13.42
CA GLN B 148 -10.32 10.75 13.82
C GLN B 148 -8.95 11.37 14.08
N TYR B 149 -7.90 10.53 14.21
CA TYR B 149 -6.54 10.96 14.53
C TYR B 149 -5.55 10.78 13.39
N VAL B 150 -6.00 10.24 12.26
CA VAL B 150 -5.13 10.01 11.12
C VAL B 150 -4.46 11.31 10.67
N TYR B 151 -5.19 12.41 10.69
CA TYR B 151 -4.61 13.70 10.31
C TYR B 151 -4.22 14.58 11.49
N GLY B 152 -4.10 13.98 12.66
CA GLY B 152 -3.72 14.72 13.87
C GLY B 152 -4.89 14.80 14.83
N ILE B 153 -4.66 15.42 15.99
CA ILE B 153 -5.67 15.59 17.02
C ILE B 153 -6.87 16.38 16.48
N GLY B 154 -8.09 15.89 16.65
CA GLY B 154 -9.26 16.61 16.16
C GLY B 154 -9.38 16.57 14.63
N GLY B 155 -8.61 15.69 14.00
CA GLY B 155 -8.44 15.64 12.57
C GLY B 155 -7.53 16.70 11.95
N GLY B 156 -6.80 17.46 12.80
CA GLY B 156 -5.98 18.57 12.37
C GLY B 156 -6.69 19.39 11.33
N THR B 157 -6.04 19.63 10.20
CA THR B 157 -6.69 20.33 9.08
C THR B 157 -7.07 19.38 7.92
N GLY B 158 -7.11 18.07 8.19
CA GLY B 158 -7.56 17.10 7.21
C GLY B 158 -6.42 16.70 6.26
N CYS B 159 -6.77 16.23 5.07
CA CYS B 159 -5.76 15.69 4.18
C CYS B 159 -4.81 16.81 3.74
N PRO B 160 -3.54 16.46 3.48
CA PRO B 160 -2.60 17.49 2.99
C PRO B 160 -3.04 18.13 1.69
N VAL B 161 -3.58 17.34 0.76
CA VAL B 161 -3.89 17.86 -0.58
C VAL B 161 -5.09 18.79 -0.60
N HIS B 162 -6.18 18.44 0.08
CA HIS B 162 -7.42 19.21 -0.05
C HIS B 162 -7.80 19.96 1.22
N LYS B 163 -7.04 19.79 2.31
CA LYS B 163 -7.42 20.33 3.63
C LYS B 163 -8.84 19.93 3.99
N ASP B 164 -9.16 18.66 3.81
CA ASP B 164 -10.50 18.17 4.00
C ASP B 164 -10.47 16.96 4.95
N ARG B 165 -11.01 17.15 6.16
CA ARG B 165 -11.06 16.08 7.15
C ARG B 165 -12.02 14.98 6.70
N SER B 166 -12.92 15.30 5.77
CA SER B 166 -13.79 14.29 5.21
C SER B 166 -13.44 13.93 3.77
N CYS B 167 -12.16 14.02 3.39
CA CYS B 167 -11.74 13.75 2.02
C CYS B 167 -12.04 12.29 1.70
N TYR B 168 -12.74 12.07 0.58
CA TYR B 168 -13.05 10.74 0.05
C TYR B 168 -12.08 10.29 -1.05
N ILE B 169 -11.09 11.15 -1.35
CA ILE B 169 -10.12 10.92 -2.41
C ILE B 169 -8.80 10.43 -1.85
N CYS B 170 -8.29 11.11 -0.85
CA CYS B 170 -6.94 10.80 -0.39
C CYS B 170 -6.90 9.52 0.45
N HIS B 171 -5.85 8.75 0.24
CA HIS B 171 -5.59 7.49 0.92
C HIS B 171 -5.14 7.73 2.35
N ARG B 172 -5.79 7.04 3.30
CA ARG B 172 -5.48 7.10 4.72
C ARG B 172 -4.80 5.80 5.17
N GLN B 173 -4.11 5.86 6.28
CA GLN B 173 -3.52 4.66 6.89
C GLN B 173 -3.84 4.58 8.38
N LEU B 174 -4.14 3.36 8.88
CA LEU B 174 -4.36 3.08 10.28
C LEU B 174 -3.51 1.87 10.61
N LEU B 175 -3.21 1.69 11.88
CA LEU B 175 -2.57 0.47 12.33
C LEU B 175 -3.58 -0.32 13.13
N PHE B 176 -3.50 -1.64 12.97
CA PHE B 176 -4.21 -2.56 13.81
C PHE B 176 -3.10 -3.29 14.59
N CYS B 177 -3.12 -3.12 15.91
CA CYS B 177 -1.97 -3.43 16.74
C CYS B 177 -2.23 -4.45 17.81
N ARG B 178 -1.18 -5.19 18.14
CA ARG B 178 -1.20 -6.09 19.27
C ARG B 178 -0.80 -5.29 20.53
N VAL B 179 -1.67 -5.29 21.55
CA VAL B 179 -1.53 -4.41 22.72
C VAL B 179 -1.64 -5.20 24.01
N THR B 180 -0.58 -5.13 24.83
CA THR B 180 -0.57 -5.77 26.15
C THR B 180 -1.17 -4.84 27.19
N LEU B 181 -2.31 -5.25 27.71
CA LEU B 181 -3.02 -4.40 28.70
C LEU B 181 -2.66 -4.72 30.15
N GLY B 182 -2.26 -5.95 30.42
CA GLY B 182 -2.07 -6.43 31.78
C GLY B 182 -3.27 -6.11 32.66
N LYS B 183 -2.97 -5.71 33.90
CA LYS B 183 -3.95 -5.20 34.82
C LYS B 183 -4.36 -3.81 34.39
N SER B 184 -5.59 -3.69 33.87
CA SER B 184 -6.03 -2.44 33.31
C SER B 184 -6.96 -1.73 34.30
N PHE B 185 -6.69 -0.46 34.57
CA PHE B 185 -7.56 0.34 35.41
C PHE B 185 -8.78 0.77 34.63
N LEU B 186 -9.96 0.37 35.10
CA LEU B 186 -11.21 0.73 34.47
C LEU B 186 -11.62 2.13 34.85
N GLN B 187 -11.68 3.01 33.87
CA GLN B 187 -12.13 4.37 34.07
C GLN B 187 -13.37 4.57 33.21
N PHE B 188 -14.51 4.82 33.83
CA PHE B 188 -15.69 5.14 33.06
C PHE B 188 -15.52 6.59 32.66
N SER B 189 -15.96 6.94 31.47
CA SER B 189 -15.80 8.28 30.96
C SER B 189 -17.17 8.76 30.56
N ALA B 190 -17.37 10.06 30.60
CA ALA B 190 -18.68 10.63 30.37
C ALA B 190 -19.06 10.72 28.88
N MET B 191 -18.14 10.32 27.99
CA MET B 191 -18.40 10.30 26.55
C MET B 191 -19.48 9.26 26.15
N LYS B 192 -20.03 9.31 25.04
N MET B 193 5.73 11.40 29.19
CA MET B 193 4.73 10.30 29.33
C MET B 193 4.39 9.92 30.80
N ALA B 194 3.09 9.93 31.13
CA ALA B 194 2.61 9.61 32.46
C ALA B 194 2.87 8.15 32.83
N HIS B 195 2.65 7.83 34.09
CA HIS B 195 2.82 6.46 34.58
C HIS B 195 1.43 5.84 34.67
N SER B 196 1.37 4.51 34.59
CA SER B 196 0.12 3.79 34.76
C SER B 196 -0.29 4.01 36.20
N PRO B 197 -1.58 3.85 36.51
CA PRO B 197 -2.03 3.80 37.90
C PRO B 197 -1.27 2.74 38.68
N PRO B 198 -0.93 3.00 39.95
CA PRO B 198 -0.19 2.02 40.75
C PRO B 198 -0.76 0.60 40.70
N GLY B 199 0.11 -0.35 40.37
CA GLY B 199 -0.25 -1.75 40.28
C GLY B 199 -1.05 -2.06 39.05
N HIS B 200 -1.11 -1.12 38.10
CA HIS B 200 -1.82 -1.32 36.82
C HIS B 200 -0.87 -1.10 35.66
N HIS B 201 -1.14 -1.75 34.53
CA HIS B 201 -0.31 -1.65 33.31
C HIS B 201 -0.96 -0.87 32.17
N SER B 202 -2.20 -0.44 32.36
CA SER B 202 -2.93 0.30 31.35
C SER B 202 -4.17 0.88 31.97
N VAL B 203 -4.87 1.69 31.17
CA VAL B 203 -6.15 2.25 31.51
C VAL B 203 -7.13 1.89 30.41
N THR B 204 -8.31 1.51 30.84
CA THR B 204 -9.44 1.26 29.98
C THR B 204 -10.41 2.41 30.17
N GLY B 205 -10.66 3.14 29.09
CA GLY B 205 -11.60 4.25 29.11
C GLY B 205 -12.88 3.75 28.47
N ARG B 206 -13.91 3.59 29.28
CA ARG B 206 -15.14 2.98 28.81
C ARG B 206 -16.23 4.02 28.76
N PRO B 207 -16.71 4.33 27.56
CA PRO B 207 -17.81 5.30 27.46
C PRO B 207 -19.08 4.87 28.22
N SER B 208 -19.58 5.72 29.10
CA SER B 208 -20.74 5.37 29.91
C SER B 208 -22.04 5.99 29.40
N VAL B 209 -21.96 6.99 28.52
CA VAL B 209 -23.16 7.69 28.03
C VAL B 209 -23.60 7.15 26.66
N ASN B 210 -22.75 7.28 25.65
CA ASN B 210 -23.04 6.66 24.36
C ASN B 210 -22.86 5.13 24.39
N GLY B 211 -23.97 4.40 24.44
CA GLY B 211 -23.90 2.96 24.66
C GLY B 211 -23.40 2.18 23.45
N LEU B 212 -23.23 2.83 22.31
CA LEU B 212 -22.69 2.17 21.15
C LEU B 212 -21.22 2.44 20.97
N ALA B 213 -20.66 3.31 21.80
CA ALA B 213 -19.26 3.61 21.68
C ALA B 213 -18.44 2.55 22.39
N LEU B 214 -17.42 2.04 21.71
CA LEU B 214 -16.56 1.02 22.32
C LEU B 214 -15.44 1.66 23.16
N ALA B 215 -14.68 0.82 23.84
CA ALA B 215 -13.64 1.32 24.74
C ALA B 215 -12.43 1.86 24.01
N GLU B 216 -11.67 2.65 24.76
CA GLU B 216 -10.37 3.17 24.37
C GLU B 216 -9.41 2.73 25.45
N TYR B 217 -8.13 2.59 25.12
CA TYR B 217 -7.16 2.02 26.01
C TYR B 217 -5.88 2.83 25.93
N VAL B 218 -5.20 2.99 27.07
CA VAL B 218 -4.00 3.80 27.13
C VAL B 218 -2.94 2.94 27.74
N ILE B 219 -1.80 2.91 27.06
CA ILE B 219 -0.58 2.36 27.62
C ILE B 219 0.43 3.46 27.86
N TYR B 220 1.33 3.25 28.83
CA TYR B 220 2.33 4.26 29.19
C TYR B 220 3.73 3.79 28.86
N ARG B 221 3.85 2.68 28.14
CA ARG B 221 5.11 2.13 27.68
C ARG B 221 4.94 1.75 26.23
N GLY B 222 5.80 2.24 25.35
CA GLY B 222 5.71 1.90 23.92
C GLY B 222 5.92 0.43 23.63
N GLU B 223 6.68 -0.24 24.48
CA GLU B 223 6.94 -1.65 24.35
C GLU B 223 5.71 -2.54 24.56
N GLN B 224 4.60 -2.01 25.10
CA GLN B 224 3.36 -2.83 25.25
C GLN B 224 2.46 -2.85 24.01
N ALA B 225 2.92 -2.26 22.91
CA ALA B 225 2.20 -2.35 21.64
C ALA B 225 3.12 -2.76 20.46
N TYR B 226 2.62 -3.63 19.58
CA TYR B 226 3.32 -3.99 18.34
C TYR B 226 2.38 -3.66 17.17
N PRO B 227 2.86 -2.85 16.21
CA PRO B 227 2.04 -2.45 15.06
C PRO B 227 1.95 -3.54 14.01
N GLU B 228 1.06 -4.49 14.19
CA GLU B 228 1.10 -5.71 13.39
C GLU B 228 0.58 -5.59 11.97
N TYR B 229 -0.46 -4.79 11.76
CA TYR B 229 -1.04 -4.56 10.45
C TYR B 229 -1.12 -3.08 10.12
N LEU B 230 -0.72 -2.75 8.88
CA LEU B 230 -0.84 -1.42 8.30
C LEU B 230 -1.92 -1.43 7.23
N ILE B 231 -2.96 -0.64 7.42
CA ILE B 231 -4.15 -0.70 6.59
C ILE B 231 -4.26 0.61 5.84
N THR B 232 -4.40 0.53 4.52
CA THR B 232 -4.52 1.72 3.65
C THR B 232 -5.92 1.73 3.08
N TYR B 233 -6.60 2.87 3.17
CA TYR B 233 -8.04 2.89 2.91
C TYR B 233 -8.54 4.30 2.54
N GLN B 234 -9.75 4.39 2.02
CA GLN B 234 -10.45 5.64 1.90
C GLN B 234 -11.71 5.54 2.72
N ILE B 235 -12.18 6.65 3.26
CA ILE B 235 -13.55 6.64 3.82
C ILE B 235 -14.46 6.76 2.58
N MET B 236 -15.66 6.16 2.62
CA MET B 236 -16.60 6.22 1.52
C MET B 236 -17.78 7.19 1.79
N ARG B 237 -18.10 8.02 0.79
CA ARG B 237 -19.25 8.94 0.92
C ARG B 237 -20.57 8.15 0.99
N PRO B 238 -21.43 8.39 2.01
CA PRO B 238 -22.70 7.62 2.02
C PRO B 238 -23.58 7.90 0.79
N GLU B 239 -24.43 6.93 0.44
CA GLU B 239 -25.41 7.08 -0.66
C GLU B 239 -26.79 7.28 -0.11
ZN ZN C . 13.40 -20.72 -11.04
S SO4 D . 7.06 -0.88 -2.56
O1 SO4 D . 6.09 -1.27 -1.56
O2 SO4 D . 8.40 -0.64 -1.99
O3 SO4 D . 6.55 0.41 -3.01
O4 SO4 D . 7.07 -1.81 -3.70
S SO4 E . 25.55 -6.26 -6.90
O1 SO4 E . 26.38 -7.00 -5.92
O2 SO4 E . 26.26 -5.06 -7.40
O3 SO4 E . 24.32 -5.85 -6.20
O4 SO4 E . 25.14 -7.10 -8.06
C 25F F . -1.68 -8.31 -13.14
N 25F F . 0.75 -4.16 -11.67
O 25F F . 3.98 -3.66 -14.06
BR 25F F . -2.91 -9.76 -13.26
C1 25F F . -0.73 -8.09 -14.14
N1 25F F . 2.15 -4.83 -13.50
C2 25F F . 0.16 -7.04 -14.01
C3 25F F . 0.12 -6.18 -12.89
C4 25F F . -0.86 -6.40 -11.90
C5 25F F . -1.74 -7.47 -12.02
C6 25F F . 1.05 -5.02 -12.70
C7 25F F . 1.51 -3.09 -11.41
C8 25F F . 2.68 -2.82 -12.29
C9 25F F . 3.46 -1.72 -12.04
C10 25F F . 3.09 -0.86 -10.99
C11 25F F . 1.98 -1.09 -10.16
C12 25F F . 1.18 -2.21 -10.38
C13 25F F . 2.97 -3.79 -13.34
C1 GOL G . 9.49 11.94 0.48
O1 GOL G . 8.80 10.92 1.18
C2 GOL G . 8.78 12.18 -0.83
O2 GOL G . 8.63 13.61 -0.99
C3 GOL G . 7.45 11.40 -0.89
O3 GOL G . 7.65 10.16 -1.61
ZN ZN H . -7.73 14.91 0.07
S SO4 I . -17.19 10.61 19.93
O1 SO4 I . -16.98 9.79 21.13
O2 SO4 I . -16.03 10.27 19.09
O3 SO4 I . -17.17 11.93 20.51
O4 SO4 I . -18.52 10.33 19.35
S SO4 J . -23.55 3.86 2.55
O1 SO4 J . -23.98 2.50 2.94
O2 SO4 J . -22.06 3.86 2.43
O3 SO4 J . -23.95 4.83 3.59
O4 SO4 J . -24.26 4.31 1.34
C 25F K . -1.55 11.48 18.60
N 25F K . -5.57 9.02 20.06
O 25F K . -6.02 5.73 17.69
BR 25F K . -0.18 12.77 18.51
C1 25F K . -1.54 10.32 17.81
N1 25F K . -4.88 7.59 18.22
C2 25F K . -2.57 9.41 17.91
C3 25F K . -3.63 9.65 18.79
C4 25F K . -3.65 10.79 19.58
C5 25F K . -2.60 11.70 19.47
C6 25F K . -4.75 8.71 18.99
C7 25F K . -6.62 8.23 20.37
C8 25F K . -6.84 7.00 19.55
C9 25F K . -7.87 6.15 19.88
C10 25F K . -8.72 6.47 20.96
C11 25F K . -8.56 7.64 21.72
C12 25F K . -7.49 8.52 21.43
C13 25F K . -5.89 6.72 18.43
#